data_6TS7
#
_entry.id   6TS7
#
_cell.length_a   59.690
_cell.length_b   60.490
_cell.length_c   64.010
_cell.angle_alpha   90.000
_cell.angle_beta   90.000
_cell.angle_gamma   90.000
#
_symmetry.space_group_name_H-M   'P 21 21 21'
#
loop_
_entity.id
_entity.type
_entity.pdbx_description
1 polymer 'Coagulation factor XI'
2 non-polymer '2-[2-[[3-(1,2,3,4-tetrahydroisoquinolin-7-yl)phenyl]methoxy]phenyl]ethanoic acid'
3 water water
#
_entity_poly.entity_id   1
_entity_poly.type   'polypeptide(L)'
_entity_poly.pdbx_seq_one_letter_code
;IVGGTASVRGEWPWQVTLHTTSPTQRHLCGGSIIGNQWILTAAHCFYGVESPKILRVYSGILNQSEIKEDTSFFGVQEII
IHDQYKMAESGYDIALLKLETTVNYTDSQRPISLPSKGDRNVIYTDCWVTGWGYRKLRDKIQNTLQKAKIPLVTNEECQK
RYRGHKITHKMICAGYREGGKDACKGDSGGPLSCKHNEVWHLVGITSWGEGCAQRERPGVYTNVVEYVDWILEKTQAV
;
_entity_poly.pdbx_strand_id   A
#
loop_
_chem_comp.id
_chem_comp.type
_chem_comp.name
_chem_comp.formula
NWE non-polymer '2-[2-[[3-(1,2,3,4-tetrahydroisoquinolin-7-yl)phenyl]methoxy]phenyl]ethanoic acid' 'C24 H23 N O3'
#
# COMPACT_ATOMS: atom_id res chain seq x y z
N ILE A 1 -0.92 11.17 1.96
CA ILE A 1 0.47 11.43 2.31
C ILE A 1 0.60 12.77 2.98
N VAL A 2 1.04 12.76 4.23
CA VAL A 2 1.31 13.93 5.03
C VAL A 2 2.81 14.26 4.83
N GLY A 3 3.13 15.52 4.60
CA GLY A 3 4.50 15.99 4.42
C GLY A 3 5.22 15.51 3.17
N GLY A 4 4.47 15.13 2.15
CA GLY A 4 5.06 14.66 0.91
C GLY A 4 5.06 15.62 -0.25
N THR A 5 5.75 15.24 -1.33
CA THR A 5 5.80 16.03 -2.55
C THR A 5 5.25 15.22 -3.73
N ALA A 6 4.95 15.89 -4.84
CA ALA A 6 4.37 15.25 -6.02
C ALA A 6 5.35 14.37 -6.76
N SER A 7 4.87 13.23 -7.28
CA SER A 7 5.69 12.34 -8.09
C SER A 7 5.56 12.69 -9.58
N VAL A 8 6.46 12.15 -10.41
CA VAL A 8 6.37 12.32 -11.87
C VAL A 8 6.01 10.95 -12.49
N ARG A 9 5.52 10.97 -13.72
CA ARG A 9 5.13 9.76 -14.44
C ARG A 9 6.26 8.73 -14.52
N GLY A 10 5.94 7.50 -14.19
CA GLY A 10 6.88 6.40 -14.21
C GLY A 10 7.83 6.33 -13.04
N GLU A 11 7.50 7.04 -11.94
CA GLU A 11 8.38 7.04 -10.77
C GLU A 11 8.04 5.85 -9.87
N TRP A 12 6.76 5.59 -9.68
CA TRP A 12 6.25 4.47 -8.88
C TRP A 12 5.28 3.67 -9.77
N PRO A 13 5.80 2.95 -10.79
CA PRO A 13 4.93 2.24 -11.73
C PRO A 13 4.14 1.08 -11.17
N TRP A 14 4.56 0.55 -10.02
CA TRP A 14 3.81 -0.52 -9.39
C TRP A 14 2.60 0.03 -8.60
N GLN A 15 2.45 1.36 -8.43
CA GLN A 15 1.36 1.96 -7.68
C GLN A 15 0.08 1.98 -8.48
N VAL A 16 -1.02 1.50 -7.87
CA VAL A 16 -2.34 1.51 -8.50
C VAL A 16 -3.36 2.23 -7.61
N THR A 17 -4.43 2.72 -8.24
CA THR A 17 -5.53 3.36 -7.54
C THR A 17 -6.74 2.43 -7.66
N LEU A 18 -7.20 1.86 -6.54
CA LEU A 18 -8.36 0.99 -6.59
C LEU A 18 -9.55 1.84 -6.34
N HIS A 19 -10.46 1.87 -7.29
CA HIS A 19 -11.71 2.61 -7.13
C HIS A 19 -12.87 1.68 -6.79
N THR A 20 -13.85 2.23 -6.11
CA THR A 20 -15.11 1.57 -5.89
C THR A 20 -16.12 2.30 -6.82
N THR A 21 -17.25 1.66 -7.15
CA THR A 21 -18.26 2.28 -8.02
C THR A 21 -19.63 2.14 -7.39
N SER A 22 -19.74 2.28 -6.05
CA SER A 22 -20.95 2.11 -5.29
C SER A 22 -20.76 2.56 -3.83
N PRO A 23 -21.55 3.54 -3.34
CA PRO A 23 -22.64 4.26 -4.02
C PRO A 23 -22.18 5.32 -5.03
N THR A 24 -20.90 5.71 -5.01
CA THR A 24 -20.23 6.66 -5.93
C THR A 24 -18.89 6.12 -6.36
N GLN A 25 -18.33 6.60 -7.49
CA GLN A 25 -17.04 6.19 -7.99
C GLN A 25 -15.97 7.10 -7.51
N ARG A 26 -15.04 6.57 -6.72
CA ARG A 26 -13.96 7.30 -6.09
C ARG A 26 -12.78 6.43 -5.75
N HIS A 27 -11.64 7.09 -5.40
CA HIS A 27 -10.46 6.38 -4.99
C HIS A 27 -10.74 5.74 -3.63
N LEU A 28 -10.70 4.42 -3.57
CA LEU A 28 -10.94 3.69 -2.34
C LEU A 28 -9.62 3.46 -1.58
N CYS A 29 -8.68 2.83 -2.22
CA CYS A 29 -7.43 2.43 -1.60
C CYS A 29 -6.29 2.38 -2.65
N GLY A 30 -5.08 2.06 -2.21
CA GLY A 30 -3.91 1.90 -3.06
C GLY A 30 -3.59 0.44 -3.30
N GLY A 31 -2.51 0.19 -4.02
CA GLY A 31 -2.11 -1.16 -4.33
C GLY A 31 -0.82 -1.21 -5.10
N SER A 32 -0.28 -2.42 -5.24
CA SER A 32 0.98 -2.65 -5.90
C SER A 32 0.86 -3.77 -6.94
N ILE A 33 1.44 -3.55 -8.12
CA ILE A 33 1.46 -4.58 -9.15
C ILE A 33 2.61 -5.50 -8.78
N ILE A 34 2.32 -6.76 -8.44
CA ILE A 34 3.34 -7.77 -8.12
C ILE A 34 3.41 -8.94 -9.13
N GLY A 35 2.61 -8.87 -10.18
CA GLY A 35 2.51 -9.91 -11.20
C GLY A 35 1.67 -9.44 -12.37
N ASN A 36 1.64 -10.21 -13.47
CA ASN A 36 0.87 -9.81 -14.65
C ASN A 36 -0.61 -9.62 -14.34
N GLN A 37 -1.19 -10.42 -13.43
CA GLN A 37 -2.59 -10.21 -13.05
C GLN A 37 -2.77 -10.21 -11.55
N TRP A 38 -1.77 -9.72 -10.81
CA TRP A 38 -1.83 -9.67 -9.36
C TRP A 38 -1.52 -8.32 -8.74
N ILE A 39 -2.41 -7.89 -7.84
CA ILE A 39 -2.27 -6.65 -7.06
C ILE A 39 -2.16 -7.05 -5.59
N LEU A 40 -1.19 -6.44 -4.86
CA LEU A 40 -1.08 -6.69 -3.45
C LEU A 40 -1.56 -5.44 -2.74
N THR A 41 -2.63 -5.58 -1.95
CA THR A 41 -3.27 -4.46 -1.25
C THR A 41 -3.52 -4.86 0.26
N ALA A 42 -4.38 -4.13 0.98
CA ALA A 42 -4.68 -4.42 2.38
C ALA A 42 -6.13 -4.90 2.49
N ALA A 43 -6.39 -5.93 3.31
CA ALA A 43 -7.72 -6.53 3.52
C ALA A 43 -8.78 -5.58 4.00
N HIS A 44 -8.40 -4.62 4.87
CA HIS A 44 -9.36 -3.66 5.41
C HIS A 44 -9.98 -2.76 4.36
N CYS A 45 -9.37 -2.65 3.18
CA CYS A 45 -9.94 -1.85 2.11
C CYS A 45 -11.29 -2.41 1.60
N PHE A 46 -11.52 -3.71 1.80
CA PHE A 46 -12.72 -4.36 1.30
C PHE A 46 -13.81 -4.50 2.34
N TYR A 47 -13.76 -3.70 3.41
CA TYR A 47 -14.79 -3.64 4.44
C TYR A 47 -15.98 -2.96 3.77
N GLY A 48 -17.10 -3.66 3.71
CA GLY A 48 -18.29 -3.12 3.03
C GLY A 48 -18.30 -3.32 1.53
N VAL A 49 -17.31 -4.04 0.97
CA VAL A 49 -17.33 -4.35 -0.45
C VAL A 49 -18.06 -5.68 -0.60
N GLU A 50 -19.27 -5.67 -1.20
CA GLU A 50 -20.09 -6.88 -1.30
C GLU A 50 -19.57 -7.95 -2.29
N SER A 51 -18.81 -7.54 -3.32
CA SER A 51 -18.24 -8.43 -4.34
C SER A 51 -17.22 -7.68 -5.20
N PRO A 52 -16.31 -8.38 -5.93
CA PRO A 52 -15.37 -7.65 -6.81
C PRO A 52 -16.01 -6.86 -7.95
N LYS A 53 -17.35 -6.96 -8.13
CA LYS A 53 -18.11 -6.29 -9.20
C LYS A 53 -17.97 -4.77 -9.20
N ILE A 54 -17.92 -4.18 -8.01
CA ILE A 54 -17.86 -2.73 -7.86
C ILE A 54 -16.48 -2.13 -7.90
N LEU A 55 -15.42 -2.96 -8.01
CA LEU A 55 -14.05 -2.48 -8.01
C LEU A 55 -13.49 -2.25 -9.40
N ARG A 56 -12.48 -1.36 -9.48
CA ARG A 56 -11.74 -1.04 -10.70
C ARG A 56 -10.29 -0.76 -10.31
N VAL A 57 -9.33 -1.36 -11.02
CA VAL A 57 -7.92 -1.10 -10.75
C VAL A 57 -7.41 -0.22 -11.87
N TYR A 58 -6.90 0.96 -11.52
CA TYR A 58 -6.30 1.83 -12.52
C TYR A 58 -4.81 1.86 -12.27
N SER A 59 -4.07 1.48 -13.30
CA SER A 59 -2.61 1.49 -13.37
C SER A 59 -2.17 2.62 -14.36
N GLY A 60 -0.95 3.10 -14.21
CA GLY A 60 -0.41 4.16 -15.04
C GLY A 60 -1.12 5.49 -14.87
N ILE A 61 -1.54 5.76 -13.64
CA ILE A 61 -2.26 6.99 -13.32
C ILE A 61 -1.37 7.87 -12.46
N LEU A 62 -1.20 9.14 -12.82
CA LEU A 62 -0.42 10.08 -12.00
C LEU A 62 -1.41 10.96 -11.23
N ASN A 63 -2.37 11.58 -11.94
CA ASN A 63 -3.42 12.42 -11.34
C ASN A 63 -4.75 11.71 -11.40
N GLN A 64 -5.58 11.89 -10.37
CA GLN A 64 -6.91 11.30 -10.33
C GLN A 64 -7.84 11.89 -11.39
N SER A 65 -7.57 13.17 -11.79
CA SER A 65 -8.26 13.93 -12.84
C SER A 65 -8.06 13.26 -14.23
N GLU A 66 -7.03 12.40 -14.39
CA GLU A 66 -6.86 11.67 -15.65
C GLU A 66 -7.92 10.61 -15.84
N ILE A 67 -8.62 10.21 -14.76
CA ILE A 67 -9.61 9.15 -14.84
C ILE A 67 -10.94 9.65 -15.37
N LYS A 68 -11.22 9.33 -16.63
CA LYS A 68 -12.47 9.72 -17.29
C LYS A 68 -13.34 8.49 -17.58
N GLU A 69 -14.58 8.69 -18.06
CA GLU A 69 -15.48 7.60 -18.38
C GLU A 69 -14.93 6.64 -19.46
N ASP A 70 -13.88 7.05 -20.17
CA ASP A 70 -13.23 6.23 -21.21
C ASP A 70 -11.81 5.77 -20.80
N THR A 71 -11.38 6.07 -19.58
CA THR A 71 -10.07 5.65 -19.12
C THR A 71 -10.07 4.14 -18.92
N SER A 72 -9.02 3.50 -19.42
CA SER A 72 -8.91 2.06 -19.30
C SER A 72 -8.65 1.64 -17.89
N PHE A 73 -9.23 0.51 -17.49
CA PHE A 73 -9.03 -0.04 -16.16
C PHE A 73 -9.06 -1.57 -16.19
N PHE A 74 -8.73 -2.20 -15.06
CA PHE A 74 -8.75 -3.64 -14.93
C PHE A 74 -9.90 -4.03 -14.05
N GLY A 75 -10.65 -5.03 -14.47
CA GLY A 75 -11.68 -5.63 -13.65
C GLY A 75 -11.02 -6.60 -12.69
N VAL A 76 -11.64 -6.83 -11.53
CA VAL A 76 -11.10 -7.72 -10.54
C VAL A 76 -11.87 -9.00 -10.63
N GLN A 77 -11.18 -10.12 -10.84
CA GLN A 77 -11.72 -11.47 -10.95
C GLN A 77 -11.94 -12.09 -9.58
N GLU A 78 -11.05 -11.79 -8.62
CA GLU A 78 -11.15 -12.35 -7.29
C GLU A 78 -10.48 -11.46 -6.25
N ILE A 79 -11.04 -11.39 -5.05
CA ILE A 79 -10.43 -10.69 -3.91
C ILE A 79 -10.01 -11.77 -2.92
N ILE A 80 -8.70 -11.98 -2.75
CA ILE A 80 -8.21 -12.99 -1.81
C ILE A 80 -7.76 -12.32 -0.50
N ILE A 81 -8.60 -12.35 0.52
CA ILE A 81 -8.23 -11.77 1.81
C ILE A 81 -7.51 -12.83 2.68
N HIS A 82 -6.52 -12.43 3.52
CA HIS A 82 -5.83 -13.43 4.38
C HIS A 82 -6.87 -14.10 5.31
N ASP A 83 -6.86 -15.44 5.36
CA ASP A 83 -7.81 -16.21 6.16
C ASP A 83 -7.86 -15.82 7.63
N GLN A 84 -6.74 -15.34 8.17
CA GLN A 84 -6.67 -14.93 9.56
C GLN A 84 -7.11 -13.52 9.85
N TYR A 85 -7.30 -12.69 8.80
CA TYR A 85 -7.67 -11.29 8.97
C TYR A 85 -8.98 -11.05 9.77
N LYS A 86 -9.02 -10.03 10.65
CA LYS A 86 -10.21 -9.63 11.40
C LYS A 86 -10.29 -8.09 11.39
N MET A 87 -9.29 -7.43 11.99
CA MET A 87 -9.20 -5.97 12.04
C MET A 87 -7.80 -5.58 11.59
N ALA A 88 -7.62 -4.38 11.02
CA ALA A 88 -6.32 -3.88 10.55
C ALA A 88 -5.25 -3.81 11.67
N GLU A 89 -5.59 -3.15 12.81
CA GLU A 89 -4.74 -2.98 13.98
C GLU A 89 -4.19 -4.27 14.55
N SER A 90 -4.86 -5.42 14.28
CA SER A 90 -4.42 -6.73 14.77
C SER A 90 -3.60 -7.57 13.75
N GLY A 91 -3.37 -7.04 12.57
CA GLY A 91 -2.53 -7.72 11.58
C GLY A 91 -3.26 -8.43 10.46
N TYR A 92 -2.51 -9.16 9.64
CA TYR A 92 -3.03 -9.88 8.48
C TYR A 92 -3.73 -8.97 7.48
N ASP A 93 -3.40 -7.65 7.48
CA ASP A 93 -3.96 -6.67 6.56
C ASP A 93 -3.23 -6.82 5.19
N ILE A 94 -3.57 -7.89 4.50
CA ILE A 94 -3.01 -8.25 3.22
C ILE A 94 -4.11 -8.92 2.40
N ALA A 95 -4.24 -8.50 1.16
CA ALA A 95 -5.19 -9.06 0.24
C ALA A 95 -4.56 -9.11 -1.16
N LEU A 96 -5.12 -9.92 -2.06
CA LEU A 96 -4.61 -10.04 -3.40
C LEU A 96 -5.73 -9.85 -4.37
N LEU A 97 -5.56 -8.94 -5.33
CA LEU A 97 -6.56 -8.77 -6.38
C LEU A 97 -6.05 -9.53 -7.59
N LYS A 98 -6.87 -10.45 -8.11
CA LYS A 98 -6.53 -11.20 -9.32
C LYS A 98 -7.31 -10.49 -10.38
N LEU A 99 -6.63 -9.90 -11.34
CA LEU A 99 -7.31 -9.14 -12.38
C LEU A 99 -8.00 -10.03 -13.41
N GLU A 100 -8.93 -9.45 -14.18
CA GLU A 100 -9.65 -10.15 -15.23
C GLU A 100 -8.79 -10.34 -16.50
N THR A 101 -7.74 -9.51 -16.71
CA THR A 101 -6.81 -9.62 -17.85
C THR A 101 -5.36 -9.30 -17.37
N THR A 102 -4.35 -9.63 -18.17
CA THR A 102 -2.96 -9.40 -17.80
C THR A 102 -2.54 -7.97 -18.02
N VAL A 103 -1.54 -7.48 -17.30
CA VAL A 103 -1.05 -6.12 -17.45
C VAL A 103 0.10 -6.12 -18.44
N ASN A 104 -0.01 -5.31 -19.50
CA ASN A 104 1.11 -5.19 -20.42
C ASN A 104 2.07 -4.19 -19.80
N TYR A 105 3.27 -4.63 -19.44
CA TYR A 105 4.24 -3.78 -18.77
C TYR A 105 4.82 -2.70 -19.65
N THR A 106 4.79 -1.46 -19.15
CA THR A 106 5.33 -0.27 -19.79
C THR A 106 6.14 0.55 -18.72
N ASP A 107 6.61 1.77 -19.07
CA ASP A 107 7.30 2.61 -18.11
C ASP A 107 6.34 3.15 -17.02
N SER A 108 5.06 3.26 -17.33
CA SER A 108 4.06 3.77 -16.39
C SER A 108 3.41 2.66 -15.54
N GLN A 109 3.62 1.37 -15.89
CA GLN A 109 3.04 0.25 -15.16
C GLN A 109 3.89 -1.03 -15.27
N ARG A 110 4.62 -1.32 -14.21
CA ARG A 110 5.53 -2.46 -14.13
C ARG A 110 5.35 -3.17 -12.73
N PRO A 111 5.90 -4.37 -12.52
CA PRO A 111 5.72 -5.02 -11.22
C PRO A 111 6.84 -4.74 -10.22
N ILE A 112 6.49 -4.74 -8.93
CA ILE A 112 7.47 -4.57 -7.87
C ILE A 112 7.81 -5.95 -7.27
N SER A 113 9.10 -6.20 -7.04
CA SER A 113 9.52 -7.44 -6.42
C SER A 113 9.16 -7.47 -4.93
N LEU A 114 9.04 -8.66 -4.36
CA LEU A 114 8.80 -8.82 -2.92
C LEU A 114 10.17 -8.90 -2.24
N PRO A 115 10.31 -8.70 -0.91
CA PRO A 115 11.65 -8.88 -0.29
C PRO A 115 12.22 -10.27 -0.59
N SER A 116 13.50 -10.30 -0.98
CA SER A 116 14.20 -11.50 -1.44
C SER A 116 14.44 -12.55 -0.40
N LYS A 117 14.57 -13.80 -0.85
CA LYS A 117 14.86 -14.92 0.04
C LYS A 117 16.36 -14.84 0.28
N GLY A 118 16.72 -14.43 1.49
CA GLY A 118 18.10 -14.21 1.85
C GLY A 118 18.41 -12.77 2.22
N ASP A 119 17.42 -11.89 2.14
CA ASP A 119 17.53 -10.48 2.48
C ASP A 119 16.74 -10.13 3.75
N ARG A 120 16.60 -11.10 4.65
CA ARG A 120 15.85 -10.97 5.90
C ARG A 120 16.55 -9.98 6.84
N ASN A 121 17.89 -10.07 6.91
CA ASN A 121 18.75 -9.23 7.74
C ASN A 121 19.09 -7.87 7.11
N VAL A 122 18.47 -7.51 5.97
CA VAL A 122 18.76 -6.23 5.31
C VAL A 122 18.22 -5.02 6.09
N ILE A 123 19.07 -4.01 6.26
CA ILE A 123 18.71 -2.79 6.95
C ILE A 123 18.29 -1.80 5.86
N TYR A 124 16.98 -1.62 5.69
CA TYR A 124 16.47 -0.74 4.64
C TYR A 124 16.62 0.72 5.02
N THR A 125 17.48 1.45 4.29
CA THR A 125 17.72 2.85 4.60
C THR A 125 17.10 3.83 3.61
N ASP A 126 16.43 3.33 2.55
CA ASP A 126 15.80 4.17 1.53
C ASP A 126 14.35 3.74 1.24
N CYS A 127 13.46 3.97 2.20
CA CYS A 127 12.07 3.58 2.09
C CYS A 127 11.15 4.72 1.76
N TRP A 128 10.14 4.45 0.94
CA TRP A 128 9.21 5.48 0.49
C TRP A 128 7.80 5.01 0.59
N VAL A 129 6.92 5.91 1.02
CA VAL A 129 5.51 5.62 1.06
C VAL A 129 4.82 6.53 0.03
N THR A 130 3.99 5.94 -0.83
CA THR A 130 3.32 6.68 -1.90
C THR A 130 1.81 6.46 -1.87
N GLY A 131 1.06 7.43 -2.38
CA GLY A 131 -0.38 7.34 -2.50
C GLY A 131 -1.07 8.63 -2.85
N TRP A 132 -2.40 8.56 -2.96
CA TRP A 132 -3.26 9.73 -3.19
C TRP A 132 -4.09 10.11 -1.96
N GLY A 133 -3.76 9.55 -0.80
CA GLY A 133 -4.49 9.80 0.43
C GLY A 133 -4.40 11.21 0.96
N TYR A 134 -5.09 11.43 2.08
CA TYR A 134 -5.21 12.70 2.81
C TYR A 134 -3.86 13.26 3.24
N ARG A 135 -3.77 14.59 3.37
CA ARG A 135 -2.56 15.28 3.88
C ARG A 135 -2.67 15.64 5.38
N LYS A 136 -3.83 15.37 6.00
CA LYS A 136 -4.14 15.61 7.41
C LYS A 136 -5.43 14.81 7.72
N LEU A 137 -5.71 14.56 8.99
CA LEU A 137 -6.86 13.78 9.44
C LEU A 137 -8.21 14.17 8.79
N ARG A 138 -8.56 15.47 8.75
CA ARG A 138 -9.84 15.89 8.14
C ARG A 138 -9.55 16.56 6.81
N ASP A 139 -9.10 15.77 5.83
CA ASP A 139 -8.74 16.27 4.51
C ASP A 139 -9.61 15.59 3.40
N LYS A 140 -9.16 15.63 2.13
CA LYS A 140 -9.82 15.02 0.97
C LYS A 140 -8.79 14.27 0.12
N ILE A 141 -9.24 13.32 -0.71
CA ILE A 141 -8.34 12.57 -1.59
C ILE A 141 -7.61 13.51 -2.57
N GLN A 142 -6.29 13.36 -2.68
CA GLN A 142 -5.44 14.19 -3.52
C GLN A 142 -5.55 13.90 -5.00
N ASN A 143 -5.05 14.83 -5.82
CA ASN A 143 -5.03 14.71 -7.26
C ASN A 143 -3.73 14.04 -7.72
N THR A 144 -2.52 14.61 -7.42
CA THR A 144 -1.25 14.01 -7.84
C THR A 144 -0.74 12.96 -6.81
N LEU A 145 0.07 11.97 -7.27
CA LEU A 145 0.59 10.91 -6.41
C LEU A 145 1.72 11.40 -5.49
N GLN A 146 1.43 11.60 -4.21
CA GLN A 146 2.42 12.06 -3.25
C GLN A 146 3.43 10.97 -2.90
N LYS A 147 4.58 11.37 -2.34
CA LYS A 147 5.63 10.47 -1.92
C LYS A 147 6.29 11.00 -0.65
N ALA A 148 6.81 10.10 0.19
CA ALA A 148 7.49 10.50 1.41
C ALA A 148 8.56 9.51 1.84
N LYS A 149 9.79 9.98 2.07
CA LYS A 149 10.86 9.11 2.55
C LYS A 149 10.62 9.01 4.03
N ILE A 150 10.52 7.79 4.57
CA ILE A 150 10.24 7.59 5.98
C ILE A 150 11.23 6.60 6.49
N PRO A 151 11.87 6.85 7.64
CA PRO A 151 12.78 5.86 8.19
C PRO A 151 12.01 4.74 8.89
N LEU A 152 12.49 3.51 8.76
CA LEU A 152 11.89 2.40 9.47
C LEU A 152 12.31 2.50 10.93
N VAL A 153 11.43 2.10 11.83
CA VAL A 153 11.74 2.05 13.25
C VAL A 153 11.63 0.59 13.68
N THR A 154 12.38 0.18 14.69
CA THR A 154 12.37 -1.22 15.13
C THR A 154 11.03 -1.66 15.72
N ASN A 155 10.80 -2.97 15.77
CA ASN A 155 9.61 -3.57 16.33
C ASN A 155 9.49 -3.20 17.81
N GLU A 156 10.62 -3.21 18.54
CA GLU A 156 10.68 -2.86 19.95
C GLU A 156 10.34 -1.39 20.16
N GLU A 157 10.93 -0.50 19.35
CA GLU A 157 10.62 0.93 19.42
C GLU A 157 9.13 1.20 19.10
N CYS A 158 8.61 0.52 18.08
CA CYS A 158 7.23 0.68 17.65
C CYS A 158 6.23 0.18 18.66
N GLN A 159 6.58 -0.91 19.36
CA GLN A 159 5.77 -1.49 20.42
C GLN A 159 5.69 -0.55 21.65
N LYS A 160 6.67 0.35 21.85
CA LYS A 160 6.66 1.31 22.95
C LYS A 160 5.61 2.40 22.72
N ARG A 161 5.47 2.84 21.48
CA ARG A 161 4.48 3.85 21.12
C ARG A 161 3.08 3.28 21.07
N TYR A 162 2.94 1.95 20.85
CA TYR A 162 1.64 1.31 20.79
C TYR A 162 1.50 0.30 21.90
N ARG A 163 1.45 0.81 23.15
CA ARG A 163 1.28 0.01 24.36
C ARG A 163 -0.06 -0.74 24.36
N GLY A 164 -1.08 -0.18 23.72
CA GLY A 164 -2.39 -0.82 23.66
C GLY A 164 -2.62 -1.70 22.45
N HIS A 165 -1.56 -1.95 21.67
CA HIS A 165 -1.67 -2.82 20.50
C HIS A 165 -0.61 -3.92 20.54
N LYS A 166 -0.86 -5.00 19.83
CA LYS A 166 0.07 -6.11 19.74
C LYS A 166 0.86 -5.91 18.44
N ILE A 167 2.08 -5.36 18.55
CA ILE A 167 2.97 -5.12 17.41
C ILE A 167 3.74 -6.40 17.17
N THR A 168 3.36 -7.16 16.14
CA THR A 168 3.96 -8.45 15.87
C THR A 168 5.06 -8.38 14.78
N HIS A 169 5.84 -9.46 14.65
CA HIS A 169 6.90 -9.60 13.66
C HIS A 169 6.33 -9.70 12.21
N LYS A 170 5.00 -9.74 12.06
CA LYS A 170 4.30 -9.65 10.79
C LYS A 170 3.91 -8.14 10.49
N MET A 171 4.45 -7.19 11.29
CA MET A 171 4.27 -5.75 11.15
C MET A 171 5.63 -5.06 11.10
N ILE A 172 5.71 -3.91 10.46
CA ILE A 172 6.93 -3.10 10.37
C ILE A 172 6.50 -1.68 10.49
N CYS A 173 7.24 -0.88 11.25
CA CYS A 173 6.86 0.49 11.43
C CYS A 173 7.81 1.47 10.79
N ALA A 174 7.27 2.62 10.43
CA ALA A 174 8.06 3.65 9.78
C ALA A 174 7.56 4.98 10.23
N GLY A 175 8.45 5.79 10.78
CA GLY A 175 8.07 7.12 11.22
C GLY A 175 9.21 7.96 11.76
N TYR A 176 9.03 9.29 11.76
CA TYR A 176 9.99 10.23 12.32
C TYR A 176 9.62 10.47 13.77
N ARG A 177 10.62 10.53 14.66
CA ARG A 177 10.34 10.75 16.08
C ARG A 177 9.48 11.98 16.35
N GLU A 178 9.70 13.09 15.61
CA GLU A 178 8.88 14.30 15.80
C GLU A 178 7.78 14.47 14.74
N GLY A 179 7.26 13.35 14.25
CA GLY A 179 6.21 13.29 13.24
C GLY A 179 6.55 14.03 11.95
N GLY A 180 5.51 14.44 11.22
CA GLY A 180 5.71 15.23 10.01
C GLY A 180 5.42 14.57 8.69
N LYS A 181 5.94 13.36 8.48
CA LYS A 181 5.73 12.65 7.23
C LYS A 181 5.12 11.32 7.50
N ASP A 182 4.00 11.01 6.84
CA ASP A 182 3.33 9.71 7.04
C ASP A 182 2.25 9.50 5.95
N ALA A 183 1.57 8.37 6.02
CA ALA A 183 0.48 8.04 5.15
C ALA A 183 -0.82 8.28 5.94
N CYS A 184 -1.88 8.66 5.24
CA CYS A 184 -3.18 8.89 5.87
C CYS A 184 -4.28 8.17 5.06
N LYS A 185 -5.58 8.35 5.42
CA LYS A 185 -6.77 7.80 4.77
C LYS A 185 -6.64 7.89 3.24
N GLY A 186 -6.76 6.76 2.56
CA GLY A 186 -6.63 6.72 1.12
C GLY A 186 -5.32 6.15 0.64
N ASP A 187 -4.32 6.05 1.54
CA ASP A 187 -3.00 5.48 1.24
C ASP A 187 -2.90 4.00 1.60
N SER A 188 -3.84 3.45 2.39
CA SER A 188 -3.81 2.03 2.74
C SER A 188 -3.87 1.16 1.52
N GLY A 189 -3.26 -0.01 1.61
CA GLY A 189 -3.20 -0.92 0.47
C GLY A 189 -1.96 -0.70 -0.38
N GLY A 190 -1.47 0.53 -0.40
CA GLY A 190 -0.35 0.95 -1.21
C GLY A 190 0.96 0.46 -0.67
N PRO A 191 2.02 0.72 -1.44
CA PRO A 191 3.34 0.25 -1.03
C PRO A 191 4.09 1.15 -0.07
N LEU A 192 5.04 0.51 0.63
CA LEU A 192 6.11 1.07 1.42
C LEU A 192 7.23 0.35 0.69
N SER A 193 7.81 1.04 -0.29
CA SER A 193 8.82 0.47 -1.15
C SER A 193 10.20 0.97 -0.77
N CYS A 194 11.09 0.03 -0.46
CA CYS A 194 12.44 0.30 -0.05
C CYS A 194 13.39 -0.12 -1.15
N LYS A 195 14.31 0.76 -1.53
CA LYS A 195 15.30 0.45 -2.56
C LYS A 195 16.58 -0.08 -1.93
N HIS A 196 17.07 -1.23 -2.38
CA HIS A 196 18.28 -1.84 -1.82
C HIS A 196 19.04 -2.43 -2.99
N ASN A 197 20.33 -2.00 -3.16
CA ASN A 197 21.24 -2.34 -4.25
C ASN A 197 20.62 -1.95 -5.59
N GLU A 198 19.94 -0.78 -5.60
CA GLU A 198 19.24 -0.15 -6.73
C GLU A 198 18.03 -0.94 -7.25
N VAL A 199 17.53 -1.89 -6.47
CA VAL A 199 16.35 -2.63 -6.82
C VAL A 199 15.29 -2.27 -5.83
N TRP A 200 14.06 -2.01 -6.30
CA TRP A 200 12.97 -1.69 -5.39
C TRP A 200 12.34 -2.96 -4.85
N HIS A 201 12.04 -2.98 -3.57
CA HIS A 201 11.33 -4.10 -2.97
C HIS A 201 10.08 -3.61 -2.29
N LEU A 202 9.04 -4.43 -2.34
CA LEU A 202 7.80 -4.10 -1.67
C LEU A 202 8.00 -4.56 -0.28
N VAL A 203 8.33 -3.66 0.63
CA VAL A 203 8.69 -4.03 1.98
C VAL A 203 7.47 -4.07 2.91
N GLY A 204 6.60 -3.07 2.81
CA GLY A 204 5.39 -3.05 3.61
C GLY A 204 4.15 -2.71 2.81
N ILE A 205 2.95 -2.84 3.43
CA ILE A 205 1.66 -2.44 2.84
C ILE A 205 1.07 -1.44 3.83
N THR A 206 0.65 -0.23 3.39
CA THR A 206 0.09 0.79 4.28
C THR A 206 -1.09 0.24 5.04
N SER A 207 -1.06 0.36 6.41
CA SER A 207 -2.11 -0.27 7.19
C SER A 207 -2.84 0.64 8.20
N TRP A 208 -2.18 1.11 9.28
CA TRP A 208 -2.84 1.87 10.34
C TRP A 208 -1.87 2.66 11.22
N GLY A 209 -2.41 3.36 12.20
CA GLY A 209 -1.62 4.13 13.16
C GLY A 209 -2.48 5.15 13.87
N GLU A 210 -2.05 5.59 15.06
CA GLU A 210 -2.80 6.61 15.80
C GLU A 210 -2.64 7.94 15.10
N GLY A 211 -3.72 8.49 14.55
CA GLY A 211 -3.70 9.76 13.82
C GLY A 211 -2.83 9.71 12.58
N CYS A 212 -2.58 10.85 11.94
CA CYS A 212 -1.72 10.86 10.75
C CYS A 212 -0.54 11.79 10.97
N ALA A 213 0.67 11.21 11.04
CA ALA A 213 1.98 11.88 11.21
C ALA A 213 2.18 12.57 12.54
N GLN A 214 1.56 12.04 13.61
CA GLN A 214 1.76 12.60 14.94
C GLN A 214 3.16 12.24 15.49
N ARG A 215 3.65 13.00 16.49
CA ARG A 215 4.98 12.72 17.02
C ARG A 215 4.96 11.43 17.83
N GLU A 216 6.04 10.65 17.70
CA GLU A 216 6.25 9.38 18.39
C GLU A 216 5.11 8.38 18.14
N ARG A 217 4.53 8.41 16.92
CA ARG A 217 3.46 7.51 16.51
C ARG A 217 3.75 7.04 15.10
N PRO A 218 4.57 5.97 14.94
CA PRO A 218 4.92 5.53 13.59
C PRO A 218 3.76 4.86 12.82
N GLY A 219 3.88 4.84 11.51
CA GLY A 219 2.91 4.18 10.67
C GLY A 219 3.14 2.69 10.79
N VAL A 220 2.07 1.92 10.88
CA VAL A 220 2.18 0.47 11.02
C VAL A 220 1.86 -0.15 9.66
N TYR A 221 2.70 -1.08 9.21
CA TYR A 221 2.58 -1.66 7.88
C TYR A 221 2.58 -3.18 7.95
N THR A 222 2.04 -3.83 6.90
CA THR A 222 2.10 -5.29 6.84
C THR A 222 3.53 -5.65 6.39
N ASN A 223 4.23 -6.53 7.12
CA ASN A 223 5.60 -6.95 6.79
C ASN A 223 5.55 -7.97 5.67
N VAL A 224 5.56 -7.51 4.42
CA VAL A 224 5.47 -8.33 3.22
C VAL A 224 6.34 -9.62 3.25
N VAL A 225 7.61 -9.53 3.62
CA VAL A 225 8.51 -10.70 3.69
C VAL A 225 7.95 -11.90 4.46
N GLU A 226 7.12 -11.62 5.48
CA GLU A 226 6.48 -12.64 6.30
C GLU A 226 5.37 -13.39 5.58
N TYR A 227 4.70 -12.70 4.67
CA TYR A 227 3.62 -13.23 3.88
C TYR A 227 4.03 -13.72 2.49
N VAL A 228 5.33 -13.72 2.15
CA VAL A 228 5.77 -14.16 0.82
C VAL A 228 5.29 -15.59 0.49
N ASP A 229 5.31 -16.52 1.45
CA ASP A 229 4.81 -17.90 1.26
C ASP A 229 3.33 -17.94 0.92
N TRP A 230 2.53 -17.08 1.58
CA TRP A 230 1.10 -16.97 1.32
C TRP A 230 0.90 -16.45 -0.10
N ILE A 231 1.64 -15.39 -0.46
CA ILE A 231 1.58 -14.78 -1.78
C ILE A 231 1.93 -15.80 -2.89
N LEU A 232 3.00 -16.59 -2.71
CA LEU A 232 3.43 -17.59 -3.68
C LEU A 232 2.45 -18.75 -3.78
N GLU A 233 1.82 -19.12 -2.67
CA GLU A 233 0.81 -20.18 -2.66
C GLU A 233 -0.39 -19.71 -3.49
N LYS A 234 -0.81 -18.47 -3.31
CA LYS A 234 -1.94 -17.90 -4.01
C LYS A 234 -1.68 -17.56 -5.48
N THR A 235 -0.53 -16.98 -5.81
CA THR A 235 -0.25 -16.56 -7.18
C THR A 235 0.27 -17.64 -8.13
N GLN A 236 0.18 -18.92 -7.75
CA GLN A 236 0.69 -20.00 -8.59
C GLN A 236 -0.42 -20.67 -9.36
C1 NWE B . -4.25 6.25 8.96
C2 NWE B . -2.90 5.89 8.84
C3 NWE B . -2.46 5.11 7.76
C11 NWE B . -8.40 7.71 8.79
C12 NWE B . -7.03 7.44 8.64
C13 NWE B . -9.96 4.45 7.52
C15 NWE B . -10.76 3.53 5.39
C16 NWE B . -10.17 3.25 4.15
C17 NWE B . -10.60 2.18 3.36
C18 NWE B . -11.65 1.38 3.81
C19 NWE B . -12.25 1.65 5.06
C20 NWE B . -11.80 2.72 5.85
C21 NWE B . -9.02 4.16 3.70
C22 NWE B . -7.72 3.78 4.35
C25 NWE B . -1.90 6.35 9.89
C27 NWE B . -0.09 5.14 8.75
C28 NWE B . -1.00 4.71 7.58
C4 NWE B . -3.40 4.72 6.80
C5 NWE B . -4.74 5.09 6.91
C6 NWE B . -5.17 5.89 7.97
C7 NWE B . -6.61 6.21 8.11
C8 NWE B . -7.57 5.26 7.75
C9 NWE B . -8.94 5.52 7.89
C10 NWE B . -9.35 6.75 8.41
O14 NWE B . -10.26 4.61 6.13
O23 NWE B . -7.73 2.88 5.34
O24 NWE B . -6.67 4.30 3.96
N26 NWE B . -0.55 6.44 9.29
#